data_2D45
#
_entry.id   2D45
#
_cell.length_a   61.464
_cell.length_b   61.464
_cell.length_c   419.777
_cell.angle_alpha   90.00
_cell.angle_beta   90.00
_cell.angle_gamma   120.00
#
_symmetry.space_group_name_H-M   'P 32 1 2'
#
loop_
_entity.id
_entity.type
_entity.pdbx_description
1 polymer "5'-D(P*TP*AP*CP*TP*AP*CP*AP*TP*AP*TP*GP*TP*AP*GP*TP*A)-3'"
2 polymer 'Methicillin resistance regulatory protein mecI'
3 water water
#
loop_
_entity_poly.entity_id
_entity_poly.type
_entity_poly.pdbx_seq_one_letter_code
_entity_poly.pdbx_strand_id
1 'polydeoxyribonucleotide' (DT)(DA)(DC)(DT)(DA)(DC)(DA)(DT)(DA)(DT)(DG)(DT)(DA)(DG)(DT)(DA) E,F,G,H
2 'polypeptide(L)'
;(MSE)DNKTYEISSAEWEV(MSE)NIIW(MSE)KKYASANNIIEEIQ(MSE)QKDWSPKTIRTLITRLYKKGFIDRKKDN
KIFQYYSLVEESDIKYKTSKNFINKVYKGGFNSLVLNFVEKEDLSQDEIEELRNILNKK
;
A,B,C,D
#
# COMPACT_ATOMS: atom_id res chain seq x y z
N THR E 5 -5.57 18.75 -3.64
CA THR E 5 -5.82 17.58 -2.73
C THR E 5 -6.40 18.02 -1.36
N TYR E 6 -7.53 17.40 -0.99
CA TYR E 6 -8.20 17.67 0.29
C TYR E 6 -7.86 16.54 1.24
N GLU E 7 -7.44 16.92 2.45
CA GLU E 7 -7.08 15.96 3.51
C GLU E 7 -8.08 16.06 4.67
N ILE E 8 -8.08 15.05 5.54
CA ILE E 8 -9.00 15.01 6.67
C ILE E 8 -8.28 15.26 7.99
N SER E 9 -8.62 16.39 8.59
CA SER E 9 -8.05 16.82 9.83
C SER E 9 -8.38 15.96 11.06
N SER E 10 -7.38 15.84 11.91
CA SER E 10 -7.46 15.05 13.10
C SER E 10 -8.66 15.35 13.97
N ALA E 11 -9.08 16.61 13.93
CA ALA E 11 -10.22 17.03 14.72
C ALA E 11 -11.39 16.41 13.99
N GLU E 12 -11.34 16.49 12.67
CA GLU E 12 -12.40 15.98 11.84
C GLU E 12 -12.58 14.49 12.00
N TRP E 13 -11.47 13.77 11.99
CA TRP E 13 -11.49 12.31 12.15
C TRP E 13 -12.48 11.85 13.18
N GLU E 14 -12.63 12.65 14.19
CA GLU E 14 -13.55 12.38 15.25
C GLU E 14 -14.87 12.12 14.64
N VAL E 15 -15.31 13.07 13.82
CA VAL E 15 -16.59 13.02 13.13
C VAL E 15 -16.79 11.77 12.28
N ASN E 17 -15.43 8.83 12.08
CA ASN E 17 -15.67 7.61 12.79
C ASN E 17 -17.14 7.54 13.33
N ILE E 18 -17.66 8.66 13.82
CA ILE E 18 -18.97 8.69 14.40
C ILE E 18 -19.97 8.39 13.34
N ILE E 19 -19.70 8.84 12.14
CA ILE E 19 -20.57 8.58 11.03
C ILE E 19 -20.36 7.15 10.55
N TRP E 20 -19.11 6.78 10.34
CA TRP E 20 -18.78 5.44 9.89
C TRP E 20 -19.38 4.40 10.81
N LYS E 22 -22.06 4.71 12.46
CA LYS E 22 -23.49 4.69 12.43
C LYS E 22 -24.09 4.78 11.01
N LYS E 23 -23.27 4.58 9.97
CA LYS E 23 -23.67 4.61 8.52
C LYS E 23 -24.33 5.93 8.11
N TYR E 24 -25.48 6.19 8.76
CA TYR E 24 -26.30 7.38 8.58
C TYR E 24 -26.14 8.13 9.86
N ALA E 25 -26.31 9.45 9.84
CA ALA E 25 -26.22 10.27 11.07
C ALA E 25 -26.59 11.73 10.93
N SER E 26 -27.22 12.23 11.96
CA SER E 26 -27.69 13.60 11.92
C SER E 26 -26.79 14.59 12.61
N ALA E 27 -27.13 15.86 12.41
CA ALA E 27 -26.39 16.95 13.01
C ALA E 27 -26.22 16.61 14.44
N ASN E 28 -27.29 16.75 15.20
CA ASN E 28 -27.28 16.47 16.63
C ASN E 28 -26.94 15.03 16.95
N ASN E 29 -27.42 14.11 16.12
CA ASN E 29 -27.19 12.66 16.29
C ASN E 29 -25.71 12.42 16.53
N ILE E 30 -24.87 13.19 15.85
CA ILE E 30 -23.42 13.07 15.98
C ILE E 30 -22.96 13.74 17.27
N ILE E 31 -23.28 15.01 17.42
CA ILE E 31 -22.91 15.78 18.58
C ILE E 31 -23.06 14.99 19.86
N GLU E 32 -24.25 14.47 20.10
CA GLU E 32 -24.50 13.67 21.29
C GLU E 32 -23.46 12.61 21.50
N GLU E 33 -23.10 11.92 20.42
CA GLU E 33 -22.07 10.85 20.41
C GLU E 33 -20.61 11.34 20.53
N ILE E 34 -20.40 12.62 20.24
CA ILE E 34 -19.08 13.20 20.36
C ILE E 34 -18.98 13.86 21.76
N GLN E 35 -19.98 14.64 22.11
CA GLN E 35 -19.98 15.29 23.39
C GLN E 35 -19.99 14.25 24.47
N GLN E 37 -16.74 11.99 24.33
CA GLN E 37 -15.37 11.56 24.13
C GLN E 37 -14.57 12.81 23.92
N LYS E 38 -15.30 13.89 23.70
CA LYS E 38 -14.66 15.18 23.47
C LYS E 38 -15.48 16.32 24.10
N ASP E 39 -14.93 17.52 24.09
CA ASP E 39 -15.61 18.63 24.71
C ASP E 39 -15.58 19.83 23.81
N TRP E 40 -16.53 19.91 22.90
CA TRP E 40 -16.57 21.08 22.01
C TRP E 40 -17.97 21.63 21.97
N SER E 41 -18.14 22.82 21.40
CA SER E 41 -19.46 23.38 21.29
C SER E 41 -20.24 22.69 20.19
N PRO E 42 -21.55 22.60 20.37
CA PRO E 42 -22.35 21.95 19.33
C PRO E 42 -22.22 22.73 18.03
N LYS E 43 -21.63 23.91 18.11
CA LYS E 43 -21.47 24.72 16.92
C LYS E 43 -20.14 24.41 16.32
N THR E 44 -19.17 24.12 17.18
CA THR E 44 -17.82 23.81 16.73
C THR E 44 -17.87 22.48 16.01
N ILE E 45 -18.68 21.59 16.54
CA ILE E 45 -18.80 20.28 15.95
C ILE E 45 -19.42 20.41 14.58
N ARG E 46 -20.60 21.02 14.52
CA ARG E 46 -21.31 21.22 13.26
C ARG E 46 -20.40 21.74 12.11
N THR E 47 -19.52 22.68 12.46
CA THR E 47 -18.57 23.23 11.52
C THR E 47 -17.69 22.10 11.05
N LEU E 48 -17.30 21.20 11.95
CA LEU E 48 -16.45 20.09 11.56
C LEU E 48 -17.19 19.19 10.57
N ILE E 49 -18.52 19.20 10.61
CA ILE E 49 -19.28 18.40 9.66
C ILE E 49 -19.34 19.15 8.34
N THR E 50 -19.83 20.36 8.37
CA THR E 50 -19.85 21.08 7.13
C THR E 50 -18.50 21.03 6.40
N ARG E 51 -17.44 21.29 7.14
CA ARG E 51 -16.11 21.25 6.61
C ARG E 51 -15.94 19.97 5.83
N LEU E 52 -16.22 18.82 6.44
CA LEU E 52 -16.10 17.54 5.73
C LEU E 52 -17.14 17.42 4.62
N TYR E 53 -18.22 18.18 4.76
CA TYR E 53 -19.25 18.12 3.73
C TYR E 53 -18.67 18.73 2.49
N LYS E 54 -18.01 19.88 2.66
CA LYS E 54 -17.41 20.59 1.55
C LYS E 54 -16.17 19.85 0.97
N LYS E 55 -15.31 19.35 1.84
CA LYS E 55 -14.15 18.68 1.34
C LYS E 55 -14.72 17.58 0.56
N GLY E 56 -15.91 17.19 0.94
CA GLY E 56 -16.56 16.15 0.19
C GLY E 56 -16.18 14.78 0.60
N PHE E 57 -16.34 14.50 1.87
CA PHE E 57 -16.02 13.18 2.34
C PHE E 57 -17.32 12.52 2.69
N ILE E 58 -18.32 13.35 2.86
CA ILE E 58 -19.64 12.86 3.21
C ILE E 58 -20.70 13.64 2.47
N ASP E 59 -21.94 13.22 2.62
CA ASP E 59 -23.02 13.92 1.98
C ASP E 59 -24.20 13.91 2.88
N ARG E 60 -25.21 14.68 2.48
CA ARG E 60 -26.45 14.84 3.24
C ARG E 60 -27.58 14.10 2.56
N LYS E 61 -28.76 14.14 3.18
CA LYS E 61 -29.95 13.45 2.66
C LYS E 61 -31.07 13.85 3.62
N LYS E 62 -31.96 14.74 3.19
CA LYS E 62 -33.03 15.18 4.09
C LYS E 62 -33.93 13.99 4.34
N ASP E 63 -33.51 13.11 5.21
CA ASP E 63 -34.27 11.91 5.46
C ASP E 63 -35.62 12.16 6.09
N ASN E 64 -35.57 12.80 7.24
CA ASN E 64 -36.80 13.13 7.95
C ASN E 64 -37.25 14.54 7.50
N LYS E 65 -36.88 15.52 8.31
CA LYS E 65 -37.18 16.86 8.00
C LYS E 65 -35.85 17.47 8.33
N ILE E 66 -34.91 16.58 8.59
CA ILE E 66 -33.55 16.95 8.94
C ILE E 66 -32.57 16.21 8.03
N PHE E 67 -31.40 16.80 7.86
CA PHE E 67 -30.36 16.19 7.08
C PHE E 67 -29.83 14.95 7.80
N GLN E 68 -29.38 13.99 7.01
CA GLN E 68 -28.76 12.81 7.54
C GLN E 68 -27.52 12.70 6.65
N TYR E 69 -26.33 12.69 7.28
CA TYR E 69 -25.07 12.58 6.54
C TYR E 69 -24.54 11.17 6.51
N TYR E 70 -23.86 10.86 5.43
CA TYR E 70 -23.28 9.55 5.26
C TYR E 70 -21.91 9.69 4.64
N SER E 71 -21.07 8.70 4.88
CA SER E 71 -19.75 8.78 4.32
C SER E 71 -19.85 8.70 2.82
N LEU E 72 -18.76 9.07 2.13
CA LEU E 72 -18.68 8.94 0.67
C LEU E 72 -17.47 8.03 0.35
N VAL E 73 -16.43 8.08 1.17
CA VAL E 73 -15.26 7.24 0.93
C VAL E 73 -15.30 6.08 1.84
N GLU E 74 -14.64 4.99 1.42
CA GLU E 74 -14.59 3.76 2.19
C GLU E 74 -13.68 3.86 3.38
N GLU E 75 -14.22 3.61 4.58
CA GLU E 75 -13.44 3.68 5.83
C GLU E 75 -12.06 3.01 5.72
N SER E 76 -11.99 1.70 5.86
CA SER E 76 -10.72 1.00 5.76
C SER E 76 -9.88 1.41 4.50
N ASP E 77 -10.54 1.67 3.38
CA ASP E 77 -9.81 2.10 2.19
C ASP E 77 -8.97 3.39 2.50
N ILE E 78 -9.55 4.28 3.29
CA ILE E 78 -8.93 5.56 3.64
C ILE E 78 -8.01 5.52 4.84
N LYS E 79 -8.37 4.74 5.85
CA LYS E 79 -7.54 4.62 7.04
C LYS E 79 -6.22 4.01 6.60
N TYR E 80 -6.28 2.90 5.87
CA TYR E 80 -5.03 2.29 5.39
C TYR E 80 -4.23 3.38 4.71
N LYS E 81 -4.91 4.16 3.89
CA LYS E 81 -4.28 5.23 3.13
C LYS E 81 -3.67 6.28 3.98
N THR E 82 -4.31 6.59 5.09
CA THR E 82 -3.73 7.64 5.91
C THR E 82 -2.53 7.13 6.78
N SER E 83 -2.64 5.90 7.31
CA SER E 83 -1.56 5.37 8.13
C SER E 83 -0.34 5.28 7.23
N LYS E 84 -0.54 4.79 6.03
CA LYS E 84 0.55 4.68 5.08
C LYS E 84 1.22 6.01 4.81
N ASN E 85 0.45 7.09 4.84
CA ASN E 85 0.98 8.41 4.59
C ASN E 85 1.82 8.82 5.78
N PHE E 86 1.23 8.58 6.95
CA PHE E 86 1.89 8.87 8.24
C PHE E 86 3.26 8.12 8.45
N ILE E 87 3.15 6.85 8.75
CA ILE E 87 4.28 6.04 8.90
C ILE E 87 5.37 6.48 7.95
N ASN E 88 5.08 6.54 6.66
CA ASN E 88 6.10 6.96 5.72
C ASN E 88 6.81 8.19 6.12
N LYS E 89 6.10 9.18 6.70
CA LYS E 89 6.74 10.45 7.10
C LYS E 89 7.56 10.30 8.41
N VAL E 90 7.06 9.42 9.29
CA VAL E 90 7.68 9.12 10.60
C VAL E 90 8.76 8.06 10.57
N TYR E 91 8.36 6.79 10.53
CA TYR E 91 9.27 5.65 10.50
C TYR E 91 9.93 5.47 9.18
N LYS E 92 11.27 5.49 9.18
CA LYS E 92 12.01 5.32 7.91
C LYS E 92 11.77 3.95 7.32
N GLY E 93 11.63 2.95 8.19
CA GLY E 93 11.44 1.59 7.73
C GLY E 93 10.05 1.03 7.54
N GLY E 94 9.17 1.74 6.85
CA GLY E 94 7.85 1.18 6.63
C GLY E 94 7.16 0.52 7.82
N PHE E 95 6.03 -0.15 7.56
CA PHE E 95 5.18 -0.84 8.54
C PHE E 95 5.94 -1.67 9.54
N ASN E 96 6.83 -2.52 9.07
CA ASN E 96 7.62 -3.31 10.01
C ASN E 96 8.31 -2.48 11.11
N SER E 97 9.31 -1.68 10.72
CA SER E 97 10.05 -0.83 11.64
C SER E 97 9.16 -0.26 12.72
N LEU E 98 7.86 -0.15 12.43
CA LEU E 98 6.92 0.37 13.40
C LEU E 98 6.57 -0.71 14.39
N VAL E 99 6.12 -1.86 13.86
CA VAL E 99 5.73 -2.98 14.70
C VAL E 99 6.88 -3.29 15.64
N LEU E 100 8.08 -3.31 15.07
CA LEU E 100 9.25 -3.56 15.84
C LEU E 100 9.40 -2.51 16.97
N ASN E 101 8.75 -1.37 16.81
CA ASN E 101 8.84 -0.31 17.81
C ASN E 101 7.80 -0.40 18.88
N PHE E 102 6.78 -1.23 18.67
CA PHE E 102 5.72 -1.42 19.67
C PHE E 102 6.17 -2.40 20.73
N VAL E 103 6.84 -3.44 20.27
CA VAL E 103 7.33 -4.47 21.14
C VAL E 103 8.59 -3.99 21.92
N GLU E 104 9.35 -3.09 21.31
CA GLU E 104 10.54 -2.53 21.93
C GLU E 104 10.07 -1.80 23.17
N LYS E 105 8.87 -1.22 23.10
CA LYS E 105 8.25 -0.49 24.22
C LYS E 105 7.16 -1.33 24.82
N GLU E 106 7.39 -2.64 24.75
CA GLU E 106 6.50 -3.67 25.28
C GLU E 106 5.06 -3.22 25.41
N ASP E 107 4.51 -2.70 24.32
CA ASP E 107 3.12 -2.27 24.36
C ASP E 107 2.23 -3.46 24.05
N LEU E 108 2.79 -4.67 24.14
CA LEU E 108 2.05 -5.90 23.83
C LEU E 108 1.95 -6.93 24.95
N SER E 109 0.72 -7.36 25.21
CA SER E 109 0.49 -8.39 26.22
C SER E 109 0.35 -9.72 25.47
N GLN E 110 0.90 -10.78 26.05
CA GLN E 110 0.85 -12.10 25.43
C GLN E 110 -0.57 -12.47 24.94
N ASP E 111 -1.59 -11.96 25.59
CA ASP E 111 -2.96 -12.26 25.16
C ASP E 111 -3.21 -11.62 23.80
N GLU E 112 -2.62 -10.46 23.59
CA GLU E 112 -2.79 -9.74 22.34
C GLU E 112 -1.82 -10.24 21.26
N ILE E 113 -0.55 -10.38 21.63
CA ILE E 113 0.47 -10.85 20.70
C ILE E 113 0.01 -12.15 20.06
N GLU E 114 -0.79 -12.90 20.78
CA GLU E 114 -1.29 -14.16 20.29
C GLU E 114 -2.20 -13.91 19.11
N GLU E 115 -3.22 -13.08 19.31
CA GLU E 115 -4.19 -12.78 18.28
C GLU E 115 -3.56 -12.41 16.94
N LEU E 116 -2.47 -11.63 16.97
CA LEU E 116 -1.79 -11.21 15.75
C LEU E 116 -1.46 -12.37 14.83
N ARG E 117 -0.80 -13.40 15.34
CA ARG E 117 -0.46 -14.55 14.50
C ARG E 117 -1.72 -15.00 13.78
N ASN E 118 -2.77 -15.26 14.57
CA ASN E 118 -4.04 -15.71 14.02
C ASN E 118 -4.72 -14.60 13.24
N ILE E 119 -3.97 -13.53 13.01
CA ILE E 119 -4.45 -12.39 12.23
C ILE E 119 -3.59 -12.37 10.99
N LEU E 120 -2.40 -12.94 11.10
CA LEU E 120 -1.51 -13.00 9.96
C LEU E 120 -1.78 -14.30 9.20
N ASN E 121 -2.96 -14.86 9.46
CA ASN E 121 -3.43 -16.10 8.85
C ASN E 121 -4.92 -16.03 8.47
N ASN F 3 -2.13 25.77 30.48
CA ASN F 3 -0.90 24.96 30.14
C ASN F 3 -0.60 24.93 28.64
N LYS F 4 0.69 24.99 28.28
CA LYS F 4 1.15 24.95 26.87
C LYS F 4 1.91 23.58 26.50
N THR F 5 1.34 22.67 25.64
CA THR F 5 2.00 21.35 25.20
C THR F 5 2.45 21.55 23.76
N TYR F 6 3.64 21.07 23.40
CA TYR F 6 4.16 21.25 22.02
C TYR F 6 4.41 20.03 21.15
N GLU F 7 3.87 20.05 19.95
CA GLU F 7 4.02 18.93 19.04
C GLU F 7 5.09 19.15 17.98
N ILE F 8 5.44 18.06 17.34
CA ILE F 8 6.43 18.11 16.32
C ILE F 8 5.75 17.94 15.01
N SER F 9 5.81 18.96 14.19
CA SER F 9 5.19 18.96 12.86
C SER F 9 5.71 17.92 11.88
N SER F 10 4.80 17.40 11.06
CA SER F 10 5.12 16.37 10.08
C SER F 10 6.19 16.84 9.14
N ALA F 11 6.24 18.14 8.95
CA ALA F 11 7.23 18.69 8.08
C ALA F 11 8.54 18.61 8.89
N GLU F 12 8.44 19.04 10.14
CA GLU F 12 9.57 19.05 11.01
C GLU F 12 10.17 17.69 11.16
N TRP F 13 9.31 16.67 11.29
CA TRP F 13 9.77 15.30 11.42
C TRP F 13 10.94 14.94 10.54
N GLU F 14 10.97 15.47 9.33
CA GLU F 14 12.07 15.17 8.40
C GLU F 14 13.37 15.51 9.06
N VAL F 15 13.38 16.68 9.69
CA VAL F 15 14.55 17.16 10.39
C VAL F 15 15.08 16.15 11.47
N ASN F 17 14.53 13.17 11.96
CA ASN F 17 15.03 11.95 11.36
C ASN F 17 16.50 12.06 10.97
N ILE F 18 16.97 13.27 10.59
CA ILE F 18 18.40 13.42 10.20
C ILE F 18 19.27 13.56 11.41
N ILE F 19 18.75 14.32 12.34
CA ILE F 19 19.43 14.58 13.55
C ILE F 19 19.60 13.22 14.14
N TRP F 20 18.49 12.66 14.55
CA TRP F 20 18.45 11.35 15.13
C TRP F 20 19.38 10.38 14.43
N LYS F 22 22.08 11.20 12.83
CA LYS F 22 23.48 11.55 13.03
C LYS F 22 23.87 11.95 14.46
N LYS F 23 22.89 11.92 15.37
CA LYS F 23 23.07 12.25 16.81
C LYS F 23 23.49 13.70 17.05
N TYR F 24 24.60 14.03 16.38
CA TYR F 24 25.26 15.34 16.38
C TYR F 24 24.86 15.81 14.98
N ALA F 25 24.59 17.11 14.81
CA ALA F 25 24.21 17.68 13.50
C ALA F 25 24.33 19.19 13.40
N SER F 26 24.93 19.67 12.32
CA SER F 26 25.08 21.10 12.16
C SER F 26 23.96 21.74 11.35
N ALA F 27 24.04 23.05 11.18
CA ALA F 27 23.06 23.80 10.39
C ALA F 27 22.85 23.13 9.07
N ASN F 28 23.78 23.38 8.17
CA ASN F 28 23.74 22.83 6.82
C ASN F 28 23.79 21.32 6.80
N ASN F 29 24.63 20.74 7.64
CA ASN F 29 24.77 19.32 7.68
C ASN F 29 23.41 18.72 7.48
N ILE F 30 22.39 19.29 8.07
CA ILE F 30 21.03 18.74 7.91
C ILE F 30 20.48 19.03 6.51
N ILE F 31 20.59 20.29 6.09
CA ILE F 31 20.09 20.70 4.81
C ILE F 31 20.62 19.82 3.69
N GLU F 32 21.91 19.71 3.61
CA GLU F 32 22.51 18.88 2.59
C GLU F 32 21.77 17.54 2.54
N GLU F 33 21.58 16.93 3.71
CA GLU F 33 20.90 15.63 3.90
C GLU F 33 19.37 15.61 3.67
N ILE F 34 18.76 16.78 3.58
CA ILE F 34 17.32 16.83 3.31
C ILE F 34 17.19 17.21 1.84
N GLN F 35 18.08 18.07 1.38
CA GLN F 35 18.06 18.51 -0.01
C GLN F 35 18.32 17.38 -1.02
N GLN F 37 15.94 14.26 -0.37
CA GLN F 37 14.71 13.55 -0.10
C GLN F 37 13.59 14.60 -0.12
N LYS F 38 13.98 15.86 -0.30
CA LYS F 38 13.01 16.96 -0.36
C LYS F 38 13.52 18.11 -1.16
N ASP F 39 12.67 19.11 -1.28
CA ASP F 39 12.99 20.30 -2.05
C ASP F 39 12.45 21.57 -1.37
N TRP F 40 13.13 22.04 -0.33
CA TRP F 40 12.72 23.27 0.38
C TRP F 40 13.86 24.25 0.18
N SER F 41 13.81 25.37 0.87
CA SER F 41 14.90 26.31 0.76
C SER F 41 15.77 26.14 1.96
N PRO F 42 17.07 26.29 1.80
CA PRO F 42 17.97 26.15 2.94
C PRO F 42 17.56 27.09 4.10
N LYS F 43 16.59 27.97 3.82
CA LYS F 43 16.11 28.88 4.83
C LYS F 43 14.91 28.21 5.45
N THR F 44 14.01 27.74 4.60
CA THR F 44 12.80 27.10 5.07
C THR F 44 13.20 26.09 6.09
N ILE F 45 14.21 25.32 5.74
CA ILE F 45 14.66 24.27 6.60
C ILE F 45 15.21 24.80 7.84
N ARG F 46 16.21 25.66 7.75
CA ARG F 46 16.80 26.19 8.98
C ARG F 46 15.71 26.58 10.01
N THR F 47 14.63 27.14 9.50
CA THR F 47 13.49 27.56 10.30
C THR F 47 12.92 26.35 11.06
N LEU F 48 12.74 25.25 10.35
CA LEU F 48 12.22 24.03 10.93
C LEU F 48 13.11 23.61 12.08
N ILE F 49 14.40 23.73 11.88
CA ILE F 49 15.32 23.42 12.96
C ILE F 49 14.94 24.33 14.16
N THR F 50 15.16 25.62 13.96
CA THR F 50 14.85 26.65 14.95
C THR F 50 13.55 26.36 15.66
N ARG F 51 12.42 26.38 14.95
CA ARG F 51 11.18 26.04 15.62
C ARG F 51 11.41 24.81 16.54
N LEU F 52 11.95 23.71 16.00
CA LEU F 52 12.22 22.52 16.81
C LEU F 52 13.06 22.90 18.01
N TYR F 53 13.95 23.85 17.85
CA TYR F 53 14.77 24.26 18.99
C TYR F 53 13.95 24.98 20.08
N LYS F 54 13.11 25.91 19.66
CA LYS F 54 12.29 26.64 20.59
C LYS F 54 11.19 25.75 21.17
N LYS F 55 10.77 24.75 20.44
CA LYS F 55 9.77 23.82 20.95
C LYS F 55 10.50 23.01 22.01
N GLY F 56 11.80 22.92 21.83
CA GLY F 56 12.56 22.16 22.79
C GLY F 56 12.54 20.64 22.61
N PHE F 57 12.99 20.17 21.44
CA PHE F 57 13.10 18.76 21.14
C PHE F 57 14.56 18.53 20.91
N ILE F 58 15.25 19.61 20.55
CA ILE F 58 16.70 19.58 20.34
C ILE F 58 17.41 20.70 21.06
N ASP F 59 18.73 20.63 21.00
CA ASP F 59 19.55 21.63 21.61
C ASP F 59 20.79 21.91 20.75
N ARG F 60 21.51 22.97 21.06
CA ARG F 60 22.68 23.26 20.27
C ARG F 60 23.95 23.05 21.09
N LYS F 61 25.08 23.45 20.54
CA LYS F 61 26.38 23.34 21.21
C LYS F 61 27.45 23.73 20.19
N LYS F 62 28.06 24.90 20.33
CA LYS F 62 29.07 25.27 19.35
C LYS F 62 30.26 24.30 19.46
N ASP F 63 30.21 23.21 18.70
CA ASP F 63 31.26 22.19 18.71
C ASP F 63 32.53 22.77 18.16
N ASN F 64 32.43 23.34 16.96
CA ASN F 64 33.57 23.95 16.29
C ASN F 64 33.43 25.47 16.29
N LYS F 65 32.92 26.00 15.21
CA LYS F 65 32.71 27.42 15.10
C LYS F 65 31.25 27.55 14.71
N ILE F 66 30.58 26.41 14.65
CA ILE F 66 29.20 26.38 14.27
C ILE F 66 28.42 25.47 15.18
N PHE F 67 27.22 25.90 15.53
CA PHE F 67 26.38 25.10 16.42
C PHE F 67 26.20 23.68 15.88
N GLN F 68 25.88 22.76 16.77
CA GLN F 68 25.62 21.38 16.41
C GLN F 68 24.37 21.12 17.21
N TYR F 69 23.23 20.88 16.55
CA TYR F 69 22.00 20.61 17.29
C TYR F 69 21.95 19.11 17.53
N TYR F 70 21.34 18.72 18.63
CA TYR F 70 21.25 17.31 18.94
C TYR F 70 19.86 17.12 19.57
N SER F 71 19.32 15.91 19.50
CA SER F 71 18.00 15.66 20.04
C SER F 71 17.99 15.72 21.56
N LEU F 72 16.85 16.13 22.12
CA LEU F 72 16.69 16.18 23.56
C LEU F 72 15.78 15.03 24.00
N VAL F 73 14.86 14.65 23.10
CA VAL F 73 13.93 13.57 23.37
C VAL F 73 14.46 12.26 22.82
N GLU F 74 14.08 11.13 23.42
CA GLU F 74 14.53 9.85 22.91
C GLU F 74 13.67 9.35 21.76
N GLU F 75 14.29 9.04 20.63
CA GLU F 75 13.59 8.55 19.44
C GLU F 75 12.49 7.57 19.79
N SER F 76 12.82 6.28 19.80
CA SER F 76 11.82 5.25 20.08
C SER F 76 10.80 5.72 21.10
N ASP F 77 11.27 6.42 22.11
CA ASP F 77 10.42 6.94 23.19
C ASP F 77 9.23 7.80 22.66
N ILE F 78 9.56 8.66 21.70
CA ILE F 78 8.65 9.64 21.06
C ILE F 78 7.84 9.09 19.89
N LYS F 79 8.51 8.30 19.06
CA LYS F 79 7.81 7.73 17.96
C LYS F 79 6.68 6.89 18.52
N TYR F 80 7.00 5.93 19.38
CA TYR F 80 5.92 5.10 19.93
C TYR F 80 4.82 5.97 20.54
N LYS F 81 5.22 7.02 21.21
CA LYS F 81 4.25 7.89 21.80
C LYS F 81 3.37 8.51 20.70
N THR F 82 3.99 9.10 19.67
CA THR F 82 3.24 9.75 18.58
C THR F 82 2.25 8.80 17.86
N SER F 83 2.76 7.66 17.44
CA SER F 83 1.95 6.66 16.77
C SER F 83 0.71 6.35 17.60
N LYS F 84 0.87 6.27 18.91
CA LYS F 84 -0.28 5.91 19.73
C LYS F 84 -1.34 6.94 19.60
N ASN F 85 -0.90 8.19 19.68
CA ASN F 85 -1.80 9.33 19.58
C ASN F 85 -2.61 9.26 18.26
N PHE F 86 -1.89 8.96 17.17
CA PHE F 86 -2.39 8.79 15.77
C PHE F 86 -3.45 7.73 15.68
N ILE F 87 -3.00 6.51 15.88
CA ILE F 87 -3.89 5.41 15.83
C ILE F 87 -5.19 5.71 16.56
N ASN F 88 -5.11 6.18 17.80
CA ASN F 88 -6.31 6.52 18.60
C ASN F 88 -7.28 7.49 17.97
N LYS F 89 -6.72 8.39 17.15
CA LYS F 89 -7.53 9.40 16.47
C LYS F 89 -8.08 8.76 15.24
N VAL F 90 -7.29 7.89 14.62
CA VAL F 90 -7.71 7.24 13.41
C VAL F 90 -8.45 5.94 13.64
N TYR F 91 -7.71 4.89 13.93
CA TYR F 91 -8.32 3.58 14.17
C TYR F 91 -9.09 3.49 15.48
N LYS F 92 -10.37 3.05 15.43
CA LYS F 92 -11.14 2.95 16.67
C LYS F 92 -10.69 1.79 17.52
N GLY F 93 -10.28 0.70 16.86
CA GLY F 93 -9.84 -0.49 17.58
C GLY F 93 -8.36 -0.65 17.92
N GLY F 94 -7.65 0.41 18.28
CA GLY F 94 -6.25 0.24 18.64
C GLY F 94 -5.33 -0.44 17.64
N PHE F 95 -4.11 -0.71 18.09
CA PHE F 95 -3.09 -1.31 17.25
C PHE F 95 -3.53 -2.46 16.41
N ASN F 96 -4.27 -3.38 17.02
CA ASN F 96 -4.78 -4.55 16.31
C ASN F 96 -5.50 -4.14 15.06
N SER F 97 -6.70 -3.60 15.24
CA SER F 97 -7.52 -3.13 14.13
C SER F 97 -6.69 -2.54 13.00
N LEU F 98 -5.48 -2.05 13.29
CA LEU F 98 -4.63 -1.49 12.23
C LEU F 98 -3.94 -2.57 11.42
N VAL F 99 -3.21 -3.45 12.11
CA VAL F 99 -2.53 -4.52 11.42
C VAL F 99 -3.56 -5.30 10.58
N LEU F 100 -4.77 -5.35 11.08
CA LEU F 100 -5.80 -6.08 10.38
C LEU F 100 -6.06 -5.37 9.11
N ASN F 101 -5.99 -4.06 9.17
CA ASN F 101 -6.25 -3.21 8.02
C ASN F 101 -5.12 -3.27 6.95
N PHE F 102 -3.92 -3.61 7.35
CA PHE F 102 -2.86 -3.66 6.37
C PHE F 102 -2.89 -4.95 5.60
N VAL F 103 -3.29 -6.03 6.25
CA VAL F 103 -3.31 -7.31 5.54
C VAL F 103 -4.55 -7.39 4.65
N GLU F 104 -5.62 -6.74 5.06
CA GLU F 104 -6.83 -6.75 4.27
C GLU F 104 -6.48 -6.00 2.99
N LYS F 105 -5.40 -5.21 3.05
CA LYS F 105 -4.96 -4.45 1.89
C LYS F 105 -3.65 -5.06 1.35
N GLU F 106 -3.43 -6.30 1.74
CA GLU F 106 -2.27 -7.09 1.36
C GLU F 106 -1.10 -6.21 1.24
N ASP F 107 -0.73 -5.53 2.29
CA ASP F 107 0.45 -4.68 2.18
C ASP F 107 1.65 -5.43 2.72
N LEU F 108 1.55 -6.76 2.76
CA LEU F 108 2.64 -7.54 3.29
C LEU F 108 3.02 -8.77 2.49
N SER F 109 4.30 -9.00 2.35
CA SER F 109 4.78 -10.17 1.62
C SER F 109 5.15 -11.27 2.62
N GLN F 110 4.97 -12.53 2.24
CA GLN F 110 5.28 -13.56 3.20
C GLN F 110 6.72 -13.40 3.67
N ASP F 111 7.54 -12.72 2.91
CA ASP F 111 8.91 -12.54 3.38
C ASP F 111 8.87 -11.70 4.65
N GLU F 112 7.95 -10.73 4.66
CA GLU F 112 7.78 -9.82 5.80
C GLU F 112 6.93 -10.42 6.89
N ILE F 113 5.77 -10.93 6.52
CA ILE F 113 4.90 -11.52 7.49
C ILE F 113 5.66 -12.51 8.33
N GLU F 114 6.69 -13.10 7.75
CA GLU F 114 7.52 -14.06 8.50
C GLU F 114 8.23 -13.31 9.62
N GLU F 115 9.02 -12.31 9.26
CA GLU F 115 9.75 -11.54 10.23
C GLU F 115 8.93 -11.23 11.47
N LEU F 116 7.69 -10.80 11.27
CA LEU F 116 6.82 -10.45 12.39
C LEU F 116 6.78 -11.50 13.47
N ARG F 117 6.49 -12.74 13.10
CA ARG F 117 6.45 -13.79 14.10
C ARG F 117 7.76 -13.84 14.90
N ASN F 118 8.88 -13.92 14.20
CA ASN F 118 10.18 -13.96 14.84
C ASN F 118 10.46 -12.62 15.56
N ILE F 119 9.48 -11.73 15.51
CA ILE F 119 9.55 -10.43 16.17
C ILE F 119 8.57 -10.48 17.30
N LEU F 120 7.66 -11.43 17.23
CA LEU F 120 6.69 -11.62 18.27
C LEU F 120 7.25 -12.57 19.32
N ASN F 121 8.43 -13.14 19.11
CA ASN F 121 9.04 -14.08 20.08
C ASN F 121 10.48 -13.75 20.43
N THR G 5 -16.16 -11.09 -3.88
CA THR G 5 -15.29 -10.05 -4.55
C THR G 5 -15.18 -10.29 -6.06
N TYR G 6 -15.35 -9.21 -6.81
CA TYR G 6 -15.24 -9.28 -8.25
C TYR G 6 -13.89 -8.74 -8.77
N GLU G 7 -13.24 -9.50 -9.64
CA GLU G 7 -11.96 -9.10 -10.18
C GLU G 7 -12.07 -8.68 -11.65
N ILE G 8 -10.98 -8.09 -12.13
CA ILE G 8 -10.85 -7.62 -13.51
C ILE G 8 -9.87 -8.53 -14.21
N SER G 9 -10.36 -9.34 -15.14
CA SER G 9 -9.51 -10.27 -15.83
C SER G 9 -8.69 -9.71 -16.96
N SER G 10 -7.47 -10.22 -17.07
CA SER G 10 -6.48 -9.83 -18.08
C SER G 10 -6.99 -9.41 -19.44
N ALA G 11 -8.07 -10.05 -19.84
CA ALA G 11 -8.67 -9.75 -21.11
C ALA G 11 -9.30 -8.42 -20.90
N GLU G 12 -10.16 -8.36 -19.91
CA GLU G 12 -10.85 -7.13 -19.60
C GLU G 12 -9.98 -5.87 -19.59
N TRP G 13 -8.82 -5.99 -18.97
CA TRP G 13 -7.91 -4.85 -18.84
C TRP G 13 -7.74 -4.12 -20.12
N GLU G 14 -7.75 -4.86 -21.23
CA GLU G 14 -7.58 -4.21 -22.52
C GLU G 14 -8.68 -3.19 -22.76
N VAL G 15 -9.85 -3.44 -22.16
CA VAL G 15 -11.01 -2.58 -22.28
C VAL G 15 -10.89 -1.36 -21.45
N ASN G 17 -8.16 0.09 -20.04
CA ASN G 17 -7.18 1.02 -20.51
C ASN G 17 -7.68 1.89 -21.72
N ILE G 18 -8.51 1.31 -22.59
CA ILE G 18 -9.02 2.04 -23.75
C ILE G 18 -9.91 3.12 -23.21
N ILE G 19 -10.67 2.77 -22.18
CA ILE G 19 -11.60 3.66 -21.50
C ILE G 19 -10.93 4.73 -20.72
N TRP G 20 -10.06 4.36 -19.80
CA TRP G 20 -9.37 5.39 -19.00
C TRP G 20 -8.61 6.30 -19.92
N LYS G 22 -9.50 7.39 -22.80
CA LYS G 22 -10.35 8.36 -23.41
C LYS G 22 -11.43 8.85 -22.45
N LYS G 23 -11.31 8.49 -21.17
CA LYS G 23 -12.28 8.89 -20.16
C LYS G 23 -13.72 8.51 -20.53
N TYR G 24 -14.17 9.00 -21.67
CA TYR G 24 -15.49 8.75 -22.23
C TYR G 24 -15.25 7.74 -23.36
N ALA G 25 -16.11 6.76 -23.58
CA ALA G 25 -15.85 5.83 -24.69
C ALA G 25 -17.11 5.11 -25.18
N SER G 26 -17.15 4.81 -26.48
CA SER G 26 -18.31 4.15 -27.09
C SER G 26 -18.12 2.66 -27.31
N ALA G 27 -19.21 1.92 -27.45
CA ALA G 27 -19.10 0.49 -27.68
C ALA G 27 -18.08 0.27 -28.78
N ASN G 28 -18.44 0.60 -30.01
CA ASN G 28 -17.54 0.42 -31.14
C ASN G 28 -16.25 1.23 -31.01
N ASN G 29 -16.36 2.47 -30.50
CA ASN G 29 -15.19 3.36 -30.35
C ASN G 29 -14.06 2.59 -29.70
N ILE G 30 -14.45 1.60 -28.88
CA ILE G 30 -13.51 0.74 -28.18
C ILE G 30 -12.96 -0.26 -29.16
N ILE G 31 -13.84 -1.11 -29.66
CA ILE G 31 -13.39 -2.14 -30.58
C ILE G 31 -12.37 -1.62 -31.58
N GLU G 32 -12.65 -0.47 -32.16
CA GLU G 32 -11.70 0.07 -33.11
C GLU G 32 -10.32 0.06 -32.53
N GLU G 33 -10.16 0.77 -31.42
CA GLU G 33 -8.86 0.89 -30.76
C GLU G 33 -8.31 -0.41 -30.17
N ILE G 34 -9.05 -1.50 -30.29
CA ILE G 34 -8.52 -2.73 -29.77
C ILE G 34 -8.20 -3.66 -30.91
N GLN G 35 -8.98 -3.58 -31.98
CA GLN G 35 -8.71 -4.43 -33.14
C GLN G 35 -7.52 -3.93 -33.94
N GLN G 37 -4.31 -3.81 -31.61
CA GLN G 37 -3.35 -4.34 -30.66
C GLN G 37 -3.82 -5.76 -30.28
N LYS G 38 -5.02 -6.13 -30.74
CA LYS G 38 -5.58 -7.47 -30.48
C LYS G 38 -6.41 -8.04 -31.63
N ASP G 39 -6.81 -9.30 -31.47
CA ASP G 39 -7.59 -10.03 -32.48
C ASP G 39 -8.83 -10.72 -31.90
N TRP G 40 -9.90 -9.98 -31.63
CA TRP G 40 -11.12 -10.57 -31.08
C TRP G 40 -12.30 -10.17 -31.95
N SER G 41 -13.43 -10.81 -31.71
CA SER G 41 -14.60 -10.49 -32.50
C SER G 41 -15.30 -9.29 -31.93
N PRO G 42 -15.92 -8.47 -32.78
CA PRO G 42 -16.65 -7.30 -32.30
C PRO G 42 -17.76 -7.74 -31.32
N LYS G 43 -17.90 -9.04 -31.13
CA LYS G 43 -18.92 -9.54 -30.21
C LYS G 43 -18.24 -10.06 -28.96
N THR G 44 -17.01 -10.51 -29.11
CA THR G 44 -16.24 -11.03 -27.97
C THR G 44 -15.94 -9.83 -27.10
N ILE G 45 -15.52 -8.76 -27.75
CA ILE G 45 -15.19 -7.56 -27.05
C ILE G 45 -16.37 -7.04 -26.32
N ARG G 46 -17.40 -6.71 -27.08
CA ARG G 46 -18.60 -6.18 -26.51
C ARG G 46 -18.95 -6.89 -25.20
N THR G 47 -18.81 -8.21 -25.18
CA THR G 47 -19.14 -8.98 -23.99
C THR G 47 -18.19 -8.62 -22.82
N LEU G 48 -16.91 -8.46 -23.11
CA LEU G 48 -15.97 -8.10 -22.06
C LEU G 48 -16.50 -6.82 -21.40
N ILE G 49 -16.94 -5.88 -22.23
CA ILE G 49 -17.46 -4.64 -21.71
C ILE G 49 -18.61 -4.98 -20.82
N THR G 50 -19.61 -5.66 -21.37
CA THR G 50 -20.80 -6.09 -20.63
C THR G 50 -20.42 -6.63 -19.25
N ARG G 51 -19.58 -7.65 -19.25
CA ARG G 51 -19.17 -8.21 -17.98
C ARG G 51 -18.75 -7.04 -17.08
N LEU G 52 -17.71 -6.31 -17.49
CA LEU G 52 -17.22 -5.19 -16.71
C LEU G 52 -18.37 -4.31 -16.24
N TYR G 53 -19.36 -4.17 -17.10
CA TYR G 53 -20.51 -3.34 -16.81
C TYR G 53 -21.20 -3.93 -15.61
N LYS G 54 -21.48 -5.22 -15.68
CA LYS G 54 -22.20 -5.84 -14.58
C LYS G 54 -21.36 -5.92 -13.32
N LYS G 55 -20.08 -6.27 -13.47
CA LYS G 55 -19.18 -6.37 -12.32
C LYS G 55 -19.25 -5.03 -11.64
N GLY G 56 -19.44 -4.02 -12.47
CA GLY G 56 -19.55 -2.67 -11.99
C GLY G 56 -18.25 -1.91 -12.01
N PHE G 57 -17.49 -1.99 -13.09
CA PHE G 57 -16.25 -1.24 -13.17
C PHE G 57 -16.39 0.02 -14.03
N ILE G 58 -17.37 -0.02 -14.92
CA ILE G 58 -17.65 1.09 -15.80
C ILE G 58 -19.15 1.29 -15.86
N ASP G 59 -19.57 2.39 -16.46
CA ASP G 59 -20.99 2.66 -16.60
C ASP G 59 -21.26 3.30 -17.94
N ARG G 60 -22.52 3.29 -18.34
CA ARG G 60 -22.92 3.84 -19.59
C ARG G 60 -23.46 5.27 -19.45
N LYS G 61 -23.84 5.84 -20.58
CA LYS G 61 -24.32 7.22 -20.64
C LYS G 61 -24.82 7.39 -22.08
N LYS G 62 -26.14 7.46 -22.27
CA LYS G 62 -26.69 7.68 -23.61
C LYS G 62 -26.33 9.14 -23.96
N ASP G 63 -25.14 9.37 -24.54
CA ASP G 63 -24.72 10.75 -24.89
C ASP G 63 -25.39 11.28 -26.16
N ASN G 64 -25.23 10.52 -27.25
CA ASN G 64 -25.82 10.88 -28.54
C ASN G 64 -27.09 10.05 -28.67
N LYS G 65 -26.96 8.96 -29.40
CA LYS G 65 -28.06 8.05 -29.62
C LYS G 65 -27.48 6.69 -29.20
N ILE G 66 -26.20 6.73 -28.79
CA ILE G 66 -25.46 5.56 -28.39
C ILE G 66 -24.87 5.75 -27.02
N PHE G 67 -24.71 4.63 -26.32
CA PHE G 67 -24.13 4.64 -24.98
C PHE G 67 -22.66 5.03 -24.99
N GLN G 68 -22.28 5.74 -23.94
CA GLN G 68 -20.90 6.15 -23.78
C GLN G 68 -20.47 5.58 -22.43
N TYR G 69 -19.58 4.59 -22.43
CA TYR G 69 -19.13 3.99 -21.18
C TYR G 69 -18.04 4.83 -20.58
N TYR G 70 -18.04 4.96 -19.26
CA TYR G 70 -17.02 5.73 -18.54
C TYR G 70 -16.54 4.95 -17.35
N SER G 71 -15.32 5.23 -16.88
CA SER G 71 -14.77 4.51 -15.75
C SER G 71 -15.50 4.82 -14.43
N LEU G 72 -15.64 3.81 -13.56
CA LEU G 72 -16.28 4.04 -12.28
C LEU G 72 -15.25 3.94 -11.18
N VAL G 73 -14.12 3.36 -11.48
CA VAL G 73 -13.10 3.26 -10.46
C VAL G 73 -11.95 4.15 -10.81
N GLU G 74 -11.17 4.53 -9.81
CA GLU G 74 -10.04 5.39 -10.09
C GLU G 74 -8.83 4.57 -10.63
N GLU G 75 -8.39 4.89 -11.85
CA GLU G 75 -7.27 4.16 -12.47
C GLU G 75 -6.15 3.83 -11.47
N SER G 76 -5.22 4.74 -11.30
CA SER G 76 -4.09 4.55 -10.38
C SER G 76 -4.46 3.83 -9.10
N ASP G 77 -5.61 4.18 -8.54
CA ASP G 77 -5.98 3.57 -7.27
C ASP G 77 -6.21 2.06 -7.38
N ILE G 78 -6.50 1.56 -8.58
CA ILE G 78 -6.77 0.13 -8.73
C ILE G 78 -5.58 -0.64 -9.26
N LYS G 79 -4.82 0.00 -10.15
CA LYS G 79 -3.63 -0.61 -10.72
C LYS G 79 -2.65 -0.81 -9.55
N TYR G 80 -2.58 0.17 -8.67
CA TYR G 80 -1.71 0.03 -7.52
C TYR G 80 -2.14 -1.24 -6.88
N LYS G 81 -3.42 -1.31 -6.53
CA LYS G 81 -3.99 -2.46 -5.80
C LYS G 81 -3.83 -3.80 -6.45
N THR G 82 -4.03 -3.88 -7.75
CA THR G 82 -3.88 -5.17 -8.35
C THR G 82 -2.44 -5.61 -8.35
N SER G 83 -1.56 -4.72 -8.70
CA SER G 83 -0.16 -5.08 -8.74
C SER G 83 0.21 -5.65 -7.39
N LYS G 84 -0.29 -5.00 -6.35
CA LYS G 84 0.01 -5.41 -5.00
C LYS G 84 -0.28 -6.85 -4.83
N ASN G 85 -1.49 -7.19 -5.18
CA ASN G 85 -1.94 -8.54 -5.07
C ASN G 85 -0.93 -9.41 -5.78
N PHE G 86 -0.75 -9.15 -7.06
CA PHE G 86 0.18 -9.93 -7.87
C PHE G 86 1.54 -10.03 -7.26
N ILE G 87 2.22 -8.93 -7.07
CA ILE G 87 3.54 -8.99 -6.49
C ILE G 87 3.62 -9.99 -5.33
N ASN G 88 2.75 -9.85 -4.35
CA ASN G 88 2.77 -10.72 -3.19
C ASN G 88 2.44 -12.19 -3.42
N LYS G 89 1.72 -12.50 -4.50
CA LYS G 89 1.41 -13.91 -4.78
C LYS G 89 2.66 -14.54 -5.37
N VAL G 90 3.35 -13.73 -6.16
CA VAL G 90 4.57 -14.14 -6.81
C VAL G 90 5.84 -13.88 -6.01
N TYR G 91 6.39 -12.67 -6.09
CA TYR G 91 7.61 -12.39 -5.36
C TYR G 91 7.46 -12.45 -3.83
N LYS G 92 8.27 -13.29 -3.22
CA LYS G 92 8.20 -13.47 -1.78
C LYS G 92 8.41 -12.11 -1.07
N GLY G 93 9.40 -11.38 -1.55
CA GLY G 93 9.75 -10.11 -0.95
C GLY G 93 9.28 -8.82 -1.59
N GLY G 94 7.96 -8.65 -1.66
CA GLY G 94 7.35 -7.45 -2.20
C GLY G 94 8.07 -6.73 -3.33
N PHE G 95 7.62 -5.50 -3.55
CA PHE G 95 8.16 -4.65 -4.59
C PHE G 95 9.67 -4.73 -4.74
N ASN G 96 10.40 -4.44 -3.69
CA ASN G 96 11.85 -4.50 -3.76
C ASN G 96 12.27 -5.74 -4.50
N SER G 97 12.12 -6.90 -3.87
CA SER G 97 12.53 -8.16 -4.51
C SER G 97 12.17 -8.26 -6.00
N LEU G 98 11.27 -7.41 -6.45
CA LEU G 98 10.92 -7.47 -7.85
C LEU G 98 11.90 -6.63 -8.66
N VAL G 99 12.01 -5.34 -8.34
CA VAL G 99 12.90 -4.49 -9.11
C VAL G 99 14.27 -5.13 -9.16
N LEU G 100 14.72 -5.67 -8.04
CA LEU G 100 16.00 -6.30 -8.01
C LEU G 100 16.02 -7.42 -9.02
N ASN G 101 14.83 -7.93 -9.35
CA ASN G 101 14.70 -9.02 -10.33
C ASN G 101 14.75 -8.55 -11.78
N PHE G 102 14.54 -7.27 -12.01
CA PHE G 102 14.61 -6.75 -13.38
C PHE G 102 16.05 -6.43 -13.76
N VAL G 103 16.81 -5.97 -12.78
CA VAL G 103 18.20 -5.62 -12.98
C VAL G 103 19.02 -6.88 -13.20
N GLU G 104 18.77 -7.90 -12.40
CA GLU G 104 19.48 -9.16 -12.54
C GLU G 104 19.32 -9.63 -13.99
N LYS G 105 18.14 -9.40 -14.56
CA LYS G 105 17.85 -9.80 -15.93
C LYS G 105 18.03 -8.60 -16.83
N GLU G 106 19.00 -7.78 -16.47
CA GLU G 106 19.37 -6.57 -17.21
C GLU G 106 18.28 -6.06 -18.14
N ASP G 107 17.07 -5.88 -17.63
CA ASP G 107 16.01 -5.39 -18.50
C ASP G 107 15.97 -3.85 -18.47
N LEU G 108 17.08 -3.22 -18.11
CA LEU G 108 17.11 -1.76 -18.06
C LEU G 108 18.31 -1.09 -18.72
N SER G 109 18.02 -0.04 -19.50
CA SER G 109 19.03 0.76 -20.20
C SER G 109 19.34 2.02 -19.40
N GLN G 110 20.60 2.44 -19.41
CA GLN G 110 21.01 3.63 -18.66
C GLN G 110 20.16 4.86 -18.96
N ASP G 111 19.53 4.86 -20.13
CA ASP G 111 18.68 5.96 -20.53
C ASP G 111 17.48 6.00 -19.60
N GLU G 112 16.91 4.84 -19.31
CA GLU G 112 15.73 4.74 -18.47
C GLU G 112 16.06 4.64 -16.96
N ILE G 113 17.15 3.96 -16.62
CA ILE G 113 17.57 3.84 -15.24
C ILE G 113 17.72 5.24 -14.64
N GLU G 114 18.06 6.19 -15.50
CA GLU G 114 18.24 7.57 -15.09
C GLU G 114 16.90 8.09 -14.55
N GLU G 115 15.92 8.14 -15.45
CA GLU G 115 14.60 8.64 -15.13
C GLU G 115 14.17 8.20 -13.71
N LEU G 116 14.40 6.94 -13.39
CA LEU G 116 14.00 6.42 -12.10
C LEU G 116 14.39 7.33 -10.95
N ARG G 117 15.68 7.62 -10.82
CA ARG G 117 16.14 8.47 -9.75
C ARG G 117 15.27 9.70 -9.68
N ASN G 118 15.19 10.40 -10.81
CA ASN G 118 14.40 11.62 -10.92
C ASN G 118 12.93 11.31 -10.74
N ILE G 119 12.59 10.04 -10.53
CA ILE G 119 11.19 9.64 -10.33
C ILE G 119 11.07 9.27 -8.86
N LEU G 120 12.21 8.98 -8.24
CA LEU G 120 12.22 8.60 -6.86
C LEU G 120 12.43 9.88 -6.05
N ASN G 121 12.11 10.98 -6.72
CA ASN G 121 12.26 12.32 -6.17
C ASN G 121 11.22 13.32 -6.70
N GLU H 7 -0.04 -21.50 -19.58
CA GLU H 7 0.22 -20.53 -18.47
C GLU H 7 0.25 -21.20 -17.10
N ILE H 8 0.79 -20.48 -16.13
CA ILE H 8 0.86 -20.98 -14.76
C ILE H 8 -0.09 -20.17 -13.90
N SER H 9 -1.13 -20.81 -13.40
CA SER H 9 -2.14 -20.15 -12.57
C SER H 9 -1.74 -19.67 -11.22
N SER H 10 -2.28 -18.53 -10.87
CA SER H 10 -2.04 -17.88 -9.59
C SER H 10 -2.12 -18.81 -8.39
N ALA H 11 -3.03 -19.76 -8.44
CA ALA H 11 -3.19 -20.69 -7.35
C ALA H 11 -2.03 -21.63 -7.47
N GLU H 12 -1.74 -22.06 -8.69
CA GLU H 12 -0.62 -22.96 -8.88
C GLU H 12 0.70 -22.32 -8.37
N TRP H 13 0.88 -21.03 -8.62
CA TRP H 13 2.10 -20.35 -8.20
C TRP H 13 2.52 -20.78 -6.85
N GLU H 14 1.53 -20.93 -5.98
CA GLU H 14 1.78 -21.32 -4.59
C GLU H 14 2.69 -22.50 -4.49
N VAL H 15 2.46 -23.48 -5.35
CA VAL H 15 3.28 -24.68 -5.33
C VAL H 15 4.68 -24.46 -5.86
N ASN H 17 6.48 -22.04 -5.82
CA ASN H 17 7.28 -21.33 -4.83
C ASN H 17 7.88 -22.32 -3.90
N ILE H 18 7.07 -23.29 -3.50
CA ILE H 18 7.51 -24.29 -2.56
C ILE H 18 8.61 -25.13 -3.18
N ILE H 19 8.36 -25.58 -4.39
CA ILE H 19 9.34 -26.38 -5.04
C ILE H 19 10.62 -25.59 -5.18
N TRP H 20 10.58 -24.41 -5.83
CA TRP H 20 11.79 -23.58 -6.02
C TRP H 20 12.50 -23.33 -4.72
N LYS H 22 12.54 -25.51 -2.36
CA LYS H 22 13.18 -26.76 -1.98
C LYS H 22 13.94 -27.49 -3.09
N LYS H 23 13.99 -26.94 -4.31
CA LYS H 23 14.68 -27.55 -5.47
C LYS H 23 14.08 -28.91 -5.80
N TYR H 24 14.19 -29.82 -4.84
CA TYR H 24 13.66 -31.17 -4.94
C TYR H 24 12.40 -31.04 -4.10
N ALA H 25 11.45 -31.96 -4.30
CA ALA H 25 10.22 -31.87 -3.56
C ALA H 25 9.34 -33.07 -3.71
N SER H 26 8.76 -33.52 -2.60
CA SER H 26 7.86 -34.67 -2.63
C SER H 26 6.38 -34.34 -2.46
N ALA H 27 5.55 -35.29 -2.87
CA ALA H 27 4.12 -35.19 -2.80
C ALA H 27 3.71 -34.43 -1.55
N ASN H 28 3.68 -35.16 -0.44
CA ASN H 28 3.29 -34.61 0.85
C ASN H 28 4.19 -33.47 1.29
N ASN H 29 5.50 -33.61 1.04
CA ASN H 29 6.49 -32.61 1.47
C ASN H 29 6.06 -31.22 1.04
N ILE H 30 5.36 -31.15 -0.08
CA ILE H 30 4.84 -29.91 -0.59
C ILE H 30 3.69 -29.49 0.31
N ILE H 31 2.69 -30.36 0.35
CA ILE H 31 1.47 -30.18 1.12
C ILE H 31 1.74 -29.57 2.50
N GLU H 32 2.56 -30.25 3.30
CA GLU H 32 2.88 -29.78 4.64
C GLU H 32 3.26 -28.30 4.63
N GLU H 33 4.23 -27.96 3.80
CA GLU H 33 4.70 -26.59 3.69
C GLU H 33 3.68 -25.64 3.05
N ILE H 34 2.54 -26.17 2.64
CA ILE H 34 1.49 -25.36 2.06
C ILE H 34 0.32 -25.23 3.03
N GLN H 35 0.03 -26.32 3.73
CA GLN H 35 -1.06 -26.35 4.70
C GLN H 35 -0.78 -25.51 5.97
N GLN H 37 0.14 -21.74 5.06
CA GLN H 37 0.11 -20.45 4.39
C GLN H 37 -1.13 -20.44 3.48
N LYS H 38 -1.86 -21.55 3.54
CA LYS H 38 -3.09 -21.73 2.78
C LYS H 38 -3.94 -22.77 3.43
N ASP H 39 -5.15 -22.95 2.89
CA ASP H 39 -6.05 -23.95 3.43
C ASP H 39 -6.81 -24.67 2.31
N TRP H 40 -6.18 -25.67 1.70
CA TRP H 40 -6.82 -26.48 0.66
C TRP H 40 -6.81 -27.93 1.08
N SER H 41 -7.42 -28.76 0.24
CA SER H 41 -7.43 -30.16 0.55
C SER H 41 -6.18 -30.79 -0.01
N PRO H 42 -5.63 -31.77 0.70
CA PRO H 42 -4.42 -32.44 0.24
C PRO H 42 -4.63 -32.94 -1.17
N LYS H 43 -5.88 -33.13 -1.55
CA LYS H 43 -6.17 -33.62 -2.89
C LYS H 43 -6.18 -32.47 -3.88
N THR H 44 -6.69 -31.33 -3.44
CA THR H 44 -6.75 -30.15 -4.27
C THR H 44 -5.32 -29.88 -4.69
N ILE H 45 -4.48 -29.81 -3.67
CA ILE H 45 -3.09 -29.52 -3.85
C ILE H 45 -2.54 -30.43 -4.91
N ARG H 46 -2.52 -31.71 -4.56
CA ARG H 46 -2.00 -32.71 -5.45
C ARG H 46 -2.40 -32.40 -6.87
N THR H 47 -3.64 -31.98 -7.05
CA THR H 47 -4.16 -31.68 -8.38
C THR H 47 -3.37 -30.57 -9.01
N LEU H 48 -3.07 -29.56 -8.21
CA LEU H 48 -2.32 -28.44 -8.74
C LEU H 48 -0.97 -28.92 -9.27
N ILE H 49 -0.34 -29.82 -8.53
CA ILE H 49 0.94 -30.33 -8.96
C ILE H 49 0.77 -31.05 -10.30
N THR H 50 -0.15 -32.01 -10.34
CA THR H 50 -0.37 -32.76 -11.56
C THR H 50 -0.49 -31.79 -12.71
N ARG H 51 -1.36 -30.80 -12.56
CA ARG H 51 -1.55 -29.82 -13.62
C ARG H 51 -0.18 -29.36 -14.11
N LEU H 52 0.60 -28.81 -13.18
CA LEU H 52 1.91 -28.28 -13.49
C LEU H 52 2.77 -29.33 -14.14
N TYR H 53 2.69 -30.56 -13.66
CA TYR H 53 3.49 -31.61 -14.27
C TYR H 53 3.10 -31.73 -15.73
N LYS H 54 1.78 -31.70 -15.94
CA LYS H 54 1.14 -31.82 -17.24
C LYS H 54 1.42 -30.64 -18.15
N LYS H 55 1.47 -29.45 -17.56
CA LYS H 55 1.75 -28.25 -18.34
C LYS H 55 3.22 -28.30 -18.72
N GLY H 56 3.98 -29.04 -17.93
CA GLY H 56 5.39 -29.20 -18.19
C GLY H 56 6.30 -28.15 -17.57
N PHE H 57 6.00 -27.70 -16.33
CA PHE H 57 6.82 -26.72 -15.60
C PHE H 57 7.68 -27.45 -14.59
N ILE H 58 7.31 -28.68 -14.31
CA ILE H 58 8.03 -29.51 -13.36
C ILE H 58 8.11 -30.97 -13.84
N ASP H 59 8.92 -31.76 -13.16
CA ASP H 59 9.04 -33.14 -13.54
C ASP H 59 9.20 -33.95 -12.26
N ARG H 60 9.14 -35.27 -12.40
CA ARG H 60 9.23 -36.20 -11.28
C ARG H 60 10.56 -36.92 -11.28
N LYS H 61 10.68 -37.93 -10.42
CA LYS H 61 11.89 -38.76 -10.30
C LYS H 61 11.74 -39.55 -9.03
N LYS H 62 11.49 -40.84 -9.19
CA LYS H 62 11.31 -41.70 -8.04
C LYS H 62 12.64 -41.80 -7.23
N ASP H 63 12.92 -40.80 -6.40
CA ASP H 63 14.18 -40.81 -5.62
C ASP H 63 14.23 -41.96 -4.61
N ASN H 64 13.28 -42.00 -3.67
CA ASN H 64 13.21 -43.06 -2.68
C ASN H 64 12.29 -44.12 -3.28
N LYS H 65 11.02 -44.08 -2.93
CA LYS H 65 10.06 -45.00 -3.51
C LYS H 65 8.82 -44.19 -3.84
N ILE H 66 8.94 -42.87 -3.64
CA ILE H 66 7.87 -41.95 -3.97
C ILE H 66 8.48 -40.94 -4.94
N PHE H 67 7.61 -40.31 -5.72
CA PHE H 67 8.00 -39.32 -6.71
C PHE H 67 8.65 -38.10 -6.04
N GLN H 68 9.56 -37.48 -6.78
CA GLN H 68 10.25 -36.29 -6.31
C GLN H 68 10.15 -35.30 -7.46
N TYR H 69 9.31 -34.27 -7.32
CA TYR H 69 9.16 -33.31 -8.40
C TYR H 69 10.20 -32.20 -8.25
N TYR H 70 10.55 -31.58 -9.36
CA TYR H 70 11.52 -30.50 -9.38
C TYR H 70 11.11 -29.57 -10.49
N SER H 71 11.62 -28.35 -10.49
CA SER H 71 11.25 -27.40 -11.54
C SER H 71 11.98 -27.70 -12.81
N LEU H 72 11.36 -27.34 -13.93
CA LEU H 72 12.00 -27.56 -15.21
C LEU H 72 12.37 -26.19 -15.72
N VAL H 73 11.61 -25.19 -15.31
CA VAL H 73 11.83 -23.82 -15.75
C VAL H 73 12.66 -23.08 -14.75
N GLU H 74 13.46 -22.17 -15.25
CA GLU H 74 14.30 -21.40 -14.38
C GLU H 74 13.47 -20.29 -13.77
N GLU H 75 13.45 -20.26 -12.43
CA GLU H 75 12.70 -19.27 -11.62
C GLU H 75 12.76 -17.81 -12.14
N SER H 76 13.82 -17.09 -11.75
CA SER H 76 14.01 -15.73 -12.15
C SER H 76 13.79 -15.53 -13.65
N ASP H 77 13.90 -16.58 -14.44
CA ASP H 77 13.71 -16.44 -15.88
C ASP H 77 12.22 -16.32 -16.22
N ILE H 78 11.41 -16.92 -15.37
CA ILE H 78 9.96 -16.96 -15.50
C ILE H 78 9.25 -15.77 -14.85
N LYS H 79 9.59 -15.54 -13.59
CA LYS H 79 9.00 -14.43 -12.85
C LYS H 79 9.15 -13.19 -13.67
N TYR H 80 10.34 -13.01 -14.22
CA TYR H 80 10.61 -11.86 -15.05
C TYR H 80 9.69 -11.83 -16.26
N LYS H 81 9.55 -12.99 -16.90
CA LYS H 81 8.73 -13.12 -18.10
C LYS H 81 7.29 -12.83 -17.76
N THR H 82 6.86 -13.42 -16.66
CA THR H 82 5.51 -13.29 -16.19
C THR H 82 5.15 -11.83 -15.85
N SER H 83 5.97 -11.19 -15.04
CA SER H 83 5.69 -9.83 -14.67
C SER H 83 5.65 -8.95 -15.90
N LYS H 84 6.47 -9.29 -16.89
CA LYS H 84 6.52 -8.55 -18.16
C LYS H 84 5.14 -8.50 -18.82
N ASN H 85 4.60 -9.68 -19.09
CA ASN H 85 3.29 -9.85 -19.70
C ASN H 85 2.27 -9.03 -18.90
N PHE H 86 2.30 -9.20 -17.58
CA PHE H 86 1.43 -8.50 -16.64
C PHE H 86 1.43 -6.97 -16.78
N ILE H 87 2.52 -6.39 -16.35
CA ILE H 87 2.62 -4.97 -16.44
C ILE H 87 2.04 -4.52 -17.77
N ASN H 88 2.47 -5.18 -18.84
CA ASN H 88 2.04 -4.88 -20.22
C ASN H 88 0.52 -4.86 -20.46
N LYS H 89 -0.18 -5.77 -19.77
CA LYS H 89 -1.63 -5.85 -19.87
C LYS H 89 -2.27 -4.77 -18.96
N VAL H 90 -1.61 -4.46 -17.84
CA VAL H 90 -2.15 -3.44 -16.94
C VAL H 90 -1.59 -2.03 -17.10
N TYR H 91 -0.32 -1.82 -16.76
CA TYR H 91 0.33 -0.51 -16.88
C TYR H 91 0.65 -0.15 -18.33
N LYS H 92 0.09 0.97 -18.82
CA LYS H 92 0.31 1.39 -20.21
C LYS H 92 1.75 1.72 -20.47
N GLY H 93 2.38 2.34 -19.49
CA GLY H 93 3.75 2.71 -19.67
C GLY H 93 4.81 1.83 -19.05
N GLY H 94 4.94 0.62 -19.54
CA GLY H 94 5.95 -0.27 -19.00
C GLY H 94 6.26 -0.16 -17.50
N PHE H 95 7.39 -0.77 -17.14
CA PHE H 95 7.85 -0.83 -15.77
C PHE H 95 7.80 0.51 -15.05
N ASN H 96 8.30 1.53 -15.72
CA ASN H 96 8.34 2.86 -15.18
C ASN H 96 7.03 3.18 -14.59
N SER H 97 6.08 3.44 -15.47
CA SER H 97 4.74 3.80 -15.06
C SER H 97 4.24 3.01 -13.86
N LEU H 98 4.95 1.95 -13.47
CA LEU H 98 4.55 1.15 -12.29
C LEU H 98 5.21 1.71 -11.04
N VAL H 99 6.53 1.75 -11.05
CA VAL H 99 7.26 2.26 -9.90
C VAL H 99 6.61 3.60 -9.53
N LEU H 100 6.31 4.38 -10.57
CA LEU H 100 5.68 5.67 -10.38
C LEU H 100 4.37 5.54 -9.65
N ASN H 101 3.70 4.45 -9.88
CA ASN H 101 2.41 4.22 -9.25
C ASN H 101 2.63 3.86 -7.79
N PHE H 102 3.76 3.25 -7.49
CA PHE H 102 4.00 2.87 -6.12
C PHE H 102 4.38 4.04 -5.18
N VAL H 103 5.06 5.02 -5.74
CA VAL H 103 5.47 6.18 -4.94
C VAL H 103 4.29 7.11 -4.68
N GLU H 104 3.40 7.19 -5.66
CA GLU H 104 2.25 8.06 -5.61
C GLU H 104 1.24 7.52 -4.59
N LYS H 105 1.38 6.26 -4.20
CA LYS H 105 0.49 5.72 -3.19
C LYS H 105 1.39 5.44 -2.01
N GLU H 106 2.55 6.07 -2.02
CA GLU H 106 3.54 5.95 -0.94
C GLU H 106 3.66 4.54 -0.40
N ASP H 107 4.07 3.62 -1.21
CA ASP H 107 4.13 2.30 -0.69
C ASP H 107 5.57 2.00 -0.39
N LEU H 108 6.38 3.06 -0.34
CA LEU H 108 7.80 2.86 -0.10
C LEU H 108 8.43 3.71 1.01
N SER H 109 9.08 3.05 1.94
CA SER H 109 9.71 3.77 3.03
C SER H 109 11.13 4.11 2.65
N GLN H 110 11.60 5.24 3.12
CA GLN H 110 12.93 5.65 2.76
C GLN H 110 13.94 4.54 3.08
N ASP H 111 13.64 3.69 4.04
CA ASP H 111 14.56 2.62 4.35
C ASP H 111 14.66 1.79 3.10
N GLU H 112 13.51 1.70 2.42
CA GLU H 112 13.32 0.94 1.19
C GLU H 112 13.78 1.64 -0.06
N ILE H 113 13.37 2.89 -0.23
CA ILE H 113 13.76 3.61 -1.42
C ILE H 113 15.26 3.67 -1.49
N GLU H 114 15.89 3.65 -0.32
CA GLU H 114 17.34 3.70 -0.29
C GLU H 114 17.90 2.49 -1.03
N GLU H 115 17.61 1.31 -0.53
CA GLU H 115 18.10 0.10 -1.15
C GLU H 115 18.05 0.15 -2.66
N LEU H 116 16.97 0.71 -3.20
CA LEU H 116 16.83 0.81 -4.65
C LEU H 116 18.05 1.41 -5.33
N ARG H 117 18.42 2.61 -4.93
CA ARG H 117 19.54 3.24 -5.56
C ARG H 117 20.68 2.26 -5.63
N ASN H 118 21.16 1.82 -4.48
CA ASN H 118 22.28 0.87 -4.46
C ASN H 118 21.96 -0.47 -5.15
N ILE H 119 20.74 -0.54 -5.71
CA ILE H 119 20.24 -1.70 -6.45
C ILE H 119 20.32 -1.28 -7.90
N LEU H 120 20.32 0.03 -8.10
CA LEU H 120 20.44 0.61 -9.42
C LEU H 120 21.93 0.88 -9.82
N ASN H 121 22.86 0.51 -8.96
CA ASN H 121 24.31 0.70 -9.23
C ASN H 121 25.08 -0.49 -8.64
#